data_8K7W
#
_entry.id   8K7W
#
_cell.length_a   93.301
_cell.length_b   35.006
_cell.length_c   51.372
_cell.angle_alpha   90.00
_cell.angle_beta   90.00
_cell.angle_gamma   90.00
#
_symmetry.space_group_name_H-M   'P 21 21 2'
#
loop_
_entity.id
_entity.type
_entity.pdbx_description
1 polymer 'RNA (49-MER)'
2 non-polymer (5Z)-5-(3,5-difluoro-4-hydroxybenzylidene)-2-methyl-3-(2,2,2-trifluoroethyl)-3,5-dihydro-4H-imidazol-4-one
3 non-polymer 'POTASSIUM ION'
4 non-polymer 'SODIUM ION'
5 water water
#
_entity_poly.entity_id   1
_entity_poly.type   'polyribonucleotide'
_entity_poly.pdbx_seq_one_letter_code
;GGGACGGUCGGGUCCAGAUAUUCGUAUCUGUCGAGUAGAGUGUGGGCUC
;
_entity_poly.pdbx_strand_id   A
#
loop_
_chem_comp.id
_chem_comp.type
_chem_comp.name
_chem_comp.formula
2ZY non-polymer (5Z)-5-(3,5-difluoro-4-hydroxybenzylidene)-2-methyl-3-(2,2,2-trifluoroethyl)-3,5-dihydro-4H-imidazol-4-one 'C13 H9 F5 N2 O2'
A RNA linking ADENOSINE-5'-MONOPHOSPHATE 'C10 H14 N5 O7 P'
C RNA linking CYTIDINE-5'-MONOPHOSPHATE 'C9 H14 N3 O8 P'
G RNA linking GUANOSINE-5'-MONOPHOSPHATE 'C10 H14 N5 O8 P'
K non-polymer 'POTASSIUM ION' 'K 1'
NA non-polymer 'SODIUM ION' 'Na 1'
U RNA linking URIDINE-5'-MONOPHOSPHATE 'C9 H13 N2 O9 P'
#
# COMPACT_ATOMS: atom_id res chain seq x y z
O18 2ZY B . -0.87 -2.12 -1.67
C15 2ZY B . -1.40 -1.69 -0.66
N14 2ZY B . -2.64 -2.08 -0.18
C16 2ZY B . -3.49 -3.03 -0.82
C19 2ZY B . -4.41 -2.33 -1.81
C13 2ZY B . -2.89 -1.37 0.98
C17 2ZY B . -4.14 -1.58 1.74
C11 2ZY B . -0.95 -0.69 0.34
N12 2ZY B . -1.93 -0.57 1.30
C10 2ZY B . 0.22 -0.05 0.24
C2 2ZY B . 0.80 1.04 1.01
C1 2ZY B . 0.17 1.40 2.20
C6 2ZY B . 0.67 2.42 2.96
F8 2ZY B . 0.05 2.77 4.10
C5 2ZY B . 1.79 3.14 2.60
O9 2ZY B . 2.20 4.14 3.38
C4 2ZY B . 2.42 2.75 1.43
F7 2ZY B . 3.53 3.44 1.11
C3 2ZY B . 1.95 1.74 0.64
F20 2ZY B . -5.26 -3.16 -2.40
F21 2ZY B . -5.18 -1.40 -1.22
F22 2ZY B . -3.68 -1.69 -2.74
K K C . 16.10 -15.15 8.11
K K D . 3.30 -4.20 0.34
K K E . 5.23 -6.91 1.76
NA NA F . 4.86 6.63 -4.63
NA NA G . -6.46 18.55 -18.11
#